data_2KUU
#
_entry.id   2KUU
#
_entity_poly.entity_id   1
_entity_poly.type   'polyribonucleotide'
_entity_poly.pdbx_seq_one_letter_code
;GGCUUGAUUGUAUGUGUAAAUUAAUUCUUACACACUACAAAUUAAGCC
;
_entity_poly.pdbx_strand_id   A
#